data_6ASI
#
_entry.id   6ASI
#
_cell.length_a   125.310
_cell.length_b   93.312
_cell.length_c   46.525
_cell.angle_alpha   90.00
_cell.angle_beta   96.23
_cell.angle_gamma   90.00
#
_symmetry.space_group_name_H-M   'C 1 2 1'
#
loop_
_entity.id
_entity.type
_entity.pdbx_description
1 polymer 'Phosphoenolpyruvate carboxykinase (ATP)'
2 non-polymer "ADENOSINE-5'-TRIPHOSPHATE"
3 non-polymer 'MAGNESIUM ION'
4 non-polymer 'MANGANESE (II) ION'
5 non-polymer 'methanesulfonic acid'
6 water water
#
_entity_poly.entity_id   1
_entity_poly.type   'polypeptide(L)'
_entity_poly.pdbx_seq_one_letter_code
;MRVNNGLTPQELEAYGISDVHDIVYNPSYDLLYQEELDPSLTGYERGVLTNLGAVAVDTGIFTGRSPKDKYIVRDDTTRD
TFWWADKGKGKNDNKPLSPETWQHLKGLVTRQLSGKRLFVVDAFCGANPDTRLSVRFITEVAWQAHFVKNMFIRPSDEEL
AGFKPDFIVMNGAKCTNPQWKEQGLNSENFVAFNLTERMQLIGGTWYGSEMKKGMFSMMNYLLPLKGIASMHCSANVGEK
GDVAVFFGLSGTGKTTLSTDPKRRLIGDDEHGWDDDGVFNFEGGCYAKTIKLSKEAEPEIYNAIRRDALLENVTVREDGT
IDFDDGSKTENTRVSYPIYHIDNIVKPVSKAGHATKVIFLTADAFGVLPPVSRLTADQTQYHFLSGFTAKLAGTERGITE
PTPTFSACFGAAFLSLHPTQYAEVLVKRMQAAGAQAYLVNTGWNGTGKRISIKDTRAIIDAILNGSLDNAETFTLPMFNL
AIPTELPGVDTKILDPRNTYASPEQWQEKAETLAKLFIDNFDKYTDTPAGAALVAAGPKLHHHHHH
;
_entity_poly.pdbx_strand_id   A
#
loop_
_chem_comp.id
_chem_comp.type
_chem_comp.name
_chem_comp.formula
03S non-polymer 'methanesulfonic acid' 'C H4 O3 S'
ATP non-polymer ADENOSINE-5'-TRIPHOSPHATE 'C10 H16 N5 O13 P3'
MG non-polymer 'MAGNESIUM ION' 'Mg 2'
MN non-polymer 'MANGANESE (II) ION' 'Mn 2'
#
# COMPACT_ATOMS: atom_id res chain seq x y z
N THR A 8 -1.66 8.66 -31.89
CA THR A 8 -0.74 8.83 -33.01
C THR A 8 0.71 8.74 -32.56
N PRO A 9 1.58 8.33 -33.48
CA PRO A 9 3.02 8.44 -33.21
C PRO A 9 3.44 9.87 -32.98
N GLN A 10 2.76 10.84 -33.58
CA GLN A 10 3.09 12.24 -33.35
C GLN A 10 2.83 12.64 -31.90
N GLU A 11 1.73 12.17 -31.32
CA GLU A 11 1.48 12.37 -29.90
C GLU A 11 2.62 11.80 -29.06
N LEU A 12 3.01 10.55 -29.30
CA LEU A 12 4.10 9.96 -28.52
C LEU A 12 5.38 10.77 -28.69
N GLU A 13 5.61 11.32 -29.89
CA GLU A 13 6.79 12.16 -30.11
C GLU A 13 6.79 13.37 -29.19
N ALA A 14 5.61 13.92 -28.87
CA ALA A 14 5.55 15.03 -27.93
C ALA A 14 6.17 14.66 -26.57
N TYR A 15 5.99 13.43 -26.11
CA TYR A 15 6.65 12.98 -24.88
C TYR A 15 8.15 12.77 -25.06
N GLY A 16 8.64 12.79 -26.30
CA GLY A 16 10.05 12.53 -26.61
C GLY A 16 10.35 11.13 -27.10
N ILE A 17 9.33 10.34 -27.43
CA ILE A 17 9.49 8.98 -27.91
C ILE A 17 9.34 8.99 -29.43
N SER A 18 10.37 8.52 -30.12
CA SER A 18 10.46 8.60 -31.56
C SER A 18 10.33 7.23 -32.21
N ASP A 19 9.91 7.23 -33.48
CA ASP A 19 10.01 6.07 -34.35
C ASP A 19 9.30 4.85 -33.78
N VAL A 20 8.10 5.03 -33.24
CA VAL A 20 7.33 3.90 -32.73
C VAL A 20 6.58 3.26 -33.89
N HIS A 21 6.88 1.98 -34.17
CA HIS A 21 6.31 1.30 -35.32
C HIS A 21 4.92 0.74 -35.02
N ASP A 22 4.77 0.13 -33.85
CA ASP A 22 3.51 -0.49 -33.45
C ASP A 22 3.06 0.14 -32.13
N ILE A 23 1.82 0.60 -32.10
CA ILE A 23 1.19 1.18 -30.92
C ILE A 23 0.00 0.30 -30.56
N VAL A 24 0.01 -0.24 -29.35
CA VAL A 24 -1.10 -1.03 -28.83
C VAL A 24 -1.79 -0.16 -27.78
N TYR A 25 -2.86 0.52 -28.19
CA TYR A 25 -3.59 1.42 -27.31
C TYR A 25 -4.73 0.67 -26.61
N ASN A 26 -4.82 0.82 -25.30
CA ASN A 26 -5.88 0.20 -24.51
C ASN A 26 -5.95 -1.30 -24.78
N PRO A 27 -4.87 -2.03 -24.56
CA PRO A 27 -4.89 -3.47 -24.83
C PRO A 27 -5.99 -4.18 -24.03
N SER A 28 -6.67 -5.10 -24.69
CA SER A 28 -7.70 -5.89 -24.05
C SER A 28 -7.06 -6.97 -23.18
N TYR A 29 -7.86 -7.54 -22.27
CA TYR A 29 -7.35 -8.62 -21.44
C TYR A 29 -6.99 -9.83 -22.30
N ASP A 30 -7.77 -10.10 -23.35
CA ASP A 30 -7.46 -11.21 -24.24
C ASP A 30 -6.11 -11.01 -24.93
N LEU A 31 -5.82 -9.79 -25.38
CA LEU A 31 -4.56 -9.57 -26.09
C LEU A 31 -3.39 -9.66 -25.12
N LEU A 32 -3.54 -9.14 -23.91
CA LEU A 32 -2.47 -9.25 -22.92
C LEU A 32 -2.16 -10.70 -22.60
N TYR A 33 -3.21 -11.52 -22.51
CA TYR A 33 -3.04 -12.95 -22.27
C TYR A 33 -2.17 -13.59 -23.34
N GLN A 34 -2.49 -13.36 -24.61
CA GLN A 34 -1.70 -13.98 -25.66
C GLN A 34 -0.31 -13.35 -25.81
N GLU A 35 -0.18 -12.06 -25.50
CA GLU A 35 1.15 -11.43 -25.47
C GLU A 35 2.05 -12.11 -24.44
N GLU A 36 1.51 -12.34 -23.24
CA GLU A 36 2.30 -12.90 -22.16
C GLU A 36 2.70 -14.35 -22.44
N LEU A 37 1.89 -15.09 -23.18
CA LEU A 37 2.13 -16.50 -23.43
C LEU A 37 2.73 -16.78 -24.80
N ASP A 38 3.10 -15.75 -25.55
CA ASP A 38 3.83 -15.86 -26.81
C ASP A 38 4.99 -16.84 -26.62
N PRO A 39 4.97 -18.00 -27.29
CA PRO A 39 6.02 -19.01 -27.02
C PRO A 39 7.41 -18.61 -27.49
N SER A 40 7.56 -17.48 -28.19
CA SER A 40 8.87 -17.01 -28.60
C SER A 40 9.43 -15.95 -27.67
N LEU A 41 8.68 -15.52 -26.65
CA LEU A 41 9.21 -14.59 -25.66
C LEU A 41 10.27 -15.28 -24.81
N THR A 42 11.35 -14.55 -24.53
CA THR A 42 12.36 -15.00 -23.60
C THR A 42 12.59 -13.90 -22.57
N GLY A 43 13.26 -14.27 -21.48
CA GLY A 43 13.56 -13.32 -20.43
C GLY A 43 12.35 -13.05 -19.55
N TYR A 44 12.44 -11.94 -18.80
CA TYR A 44 11.43 -11.64 -17.80
C TYR A 44 10.11 -11.16 -18.40
N GLU A 45 10.02 -10.96 -19.71
CA GLU A 45 8.72 -10.69 -20.32
C GLU A 45 7.82 -11.91 -20.31
N ARG A 46 8.39 -13.10 -20.24
CA ARG A 46 7.62 -14.32 -20.48
C ARG A 46 6.70 -14.63 -19.32
N GLY A 47 5.48 -15.01 -19.65
CA GLY A 47 4.55 -15.52 -18.67
C GLY A 47 4.37 -17.02 -18.83
N VAL A 48 3.87 -17.69 -17.79
CA VAL A 48 3.55 -19.10 -17.87
C VAL A 48 2.11 -19.28 -17.37
N LEU A 49 1.42 -20.24 -17.96
CA LEU A 49 0.01 -20.47 -17.63
C LEU A 49 -0.09 -21.46 -16.46
N THR A 50 -0.79 -21.06 -15.41
CA THR A 50 -1.01 -21.92 -14.25
C THR A 50 -2.32 -22.69 -14.39
N ASN A 51 -2.46 -23.73 -13.59
CA ASN A 51 -3.67 -24.55 -13.66
C ASN A 51 -4.91 -23.81 -13.18
N LEU A 52 -4.74 -22.69 -12.47
CA LEU A 52 -5.87 -21.87 -12.07
C LEU A 52 -6.38 -20.96 -13.18
N GLY A 53 -5.70 -20.93 -14.32
CA GLY A 53 -6.10 -20.10 -15.45
C GLY A 53 -5.41 -18.78 -15.52
N ALA A 54 -4.70 -18.39 -14.47
CA ALA A 54 -3.99 -17.11 -14.42
C ALA A 54 -2.55 -17.27 -14.91
N VAL A 55 -2.07 -16.23 -15.56
CA VAL A 55 -0.68 -16.15 -16.00
C VAL A 55 0.19 -15.73 -14.82
N ALA A 56 1.38 -16.33 -14.73
CA ALA A 56 2.37 -15.97 -13.74
C ALA A 56 3.61 -15.43 -14.44
N VAL A 57 4.20 -14.38 -13.87
CA VAL A 57 5.42 -13.78 -14.42
C VAL A 57 6.45 -13.63 -13.30
N ASP A 58 7.69 -13.45 -13.74
CA ASP A 58 8.84 -13.17 -12.88
C ASP A 58 9.20 -11.70 -13.07
N THR A 59 9.24 -10.94 -11.97
CA THR A 59 9.47 -9.50 -12.08
C THR A 59 10.95 -9.14 -12.17
N GLY A 60 11.84 -10.13 -12.20
CA GLY A 60 13.25 -9.85 -12.42
C GLY A 60 14.06 -9.74 -11.15
N ILE A 61 15.13 -8.97 -11.20
CA ILE A 61 15.98 -8.82 -10.01
C ILE A 61 15.22 -8.14 -8.89
N PHE A 62 14.27 -7.27 -9.21
CA PHE A 62 13.49 -6.55 -8.21
C PHE A 62 12.19 -7.30 -7.97
N THR A 63 11.98 -7.76 -6.74
CA THR A 63 10.77 -8.42 -6.30
C THR A 63 10.00 -7.60 -5.27
N GLY A 64 10.31 -6.31 -5.19
CA GLY A 64 9.63 -5.35 -4.34
C GLY A 64 10.06 -3.98 -4.78
N ARG A 65 9.52 -2.97 -4.09
CA ARG A 65 9.89 -1.61 -4.42
C ARG A 65 11.35 -1.34 -4.04
N SER A 66 11.91 -0.29 -4.66
CA SER A 66 13.28 0.14 -4.39
C SER A 66 13.21 1.58 -3.87
N PRO A 67 12.90 1.76 -2.59
CA PRO A 67 12.82 3.12 -2.04
C PRO A 67 14.13 3.88 -2.13
N LYS A 68 15.27 3.20 -2.08
CA LYS A 68 16.54 3.91 -2.16
C LYS A 68 16.77 4.52 -3.53
N ASP A 69 15.97 4.15 -4.53
CA ASP A 69 16.10 4.67 -5.89
C ASP A 69 15.01 5.68 -6.24
N LYS A 70 14.26 6.16 -5.24
CA LYS A 70 13.14 7.05 -5.48
C LYS A 70 13.58 8.51 -5.33
N TYR A 71 13.29 9.32 -6.34
CA TYR A 71 13.70 10.72 -6.38
C TYR A 71 12.55 11.60 -6.84
N ILE A 72 12.48 12.80 -6.26
CA ILE A 72 11.50 13.83 -6.62
C ILE A 72 12.27 15.07 -7.06
N VAL A 73 11.92 15.61 -8.22
CA VAL A 73 12.58 16.83 -8.68
C VAL A 73 12.24 17.97 -7.73
N ARG A 74 13.27 18.64 -7.22
CA ARG A 74 13.09 19.83 -6.39
C ARG A 74 13.15 21.05 -7.31
N ASP A 75 12.00 21.69 -7.51
CA ASP A 75 11.89 22.90 -8.30
C ASP A 75 10.99 23.85 -7.53
N ASP A 76 10.57 24.94 -8.18
CA ASP A 76 9.76 25.92 -7.46
C ASP A 76 8.33 25.45 -7.23
N THR A 77 7.91 24.35 -7.85
CA THR A 77 6.61 23.79 -7.54
C THR A 77 6.65 22.95 -6.26
N THR A 78 7.73 22.19 -6.05
CA THR A 78 7.82 21.26 -4.94
C THR A 78 8.67 21.77 -3.78
N ARG A 79 9.47 22.81 -3.99
CA ARG A 79 10.46 23.21 -2.98
C ARG A 79 9.85 23.36 -1.60
N ASP A 80 8.80 24.17 -1.49
CA ASP A 80 8.27 24.57 -0.20
C ASP A 80 7.10 23.72 0.27
N THR A 81 6.65 22.75 -0.53
CA THR A 81 5.50 21.93 -0.18
C THR A 81 5.83 20.47 0.07
N PHE A 82 6.84 19.92 -0.59
CA PHE A 82 7.19 18.51 -0.40
C PHE A 82 7.87 18.28 0.95
N TRP A 83 7.70 17.06 1.46
CA TRP A 83 8.41 16.57 2.63
C TRP A 83 9.73 15.96 2.18
N TRP A 84 10.83 16.71 2.27
CA TRP A 84 12.09 16.32 1.66
C TRP A 84 12.94 15.45 2.59
N ALA A 85 13.62 14.47 1.99
CA ALA A 85 14.44 13.55 2.78
C ALA A 85 15.62 14.26 3.43
N ASP A 86 16.14 15.32 2.82
CA ASP A 86 17.33 16.00 3.36
C ASP A 86 17.01 17.18 4.25
N LYS A 87 15.73 17.47 4.51
CA LYS A 87 15.37 18.63 5.30
C LYS A 87 14.78 18.23 6.66
N GLY A 90 12.44 14.17 9.75
CA GLY A 90 12.15 12.76 9.94
C GLY A 90 12.58 11.95 8.73
N LYS A 91 12.62 10.62 8.86
CA LYS A 91 13.13 9.75 7.80
C LYS A 91 12.06 9.48 6.75
N ASN A 92 12.34 9.84 5.48
CA ASN A 92 11.50 9.46 4.35
C ASN A 92 12.39 9.23 3.12
N ASP A 93 11.75 8.84 2.00
CA ASP A 93 12.46 8.49 0.77
C ASP A 93 12.37 9.57 -0.31
N ASN A 94 11.88 10.77 0.02
CA ASN A 94 11.69 11.81 -1.00
C ASN A 94 13.01 12.53 -1.21
N LYS A 95 13.89 11.88 -1.96
CA LYS A 95 15.22 12.43 -2.17
C LYS A 95 15.20 13.46 -3.30
N PRO A 96 15.85 14.61 -3.12
CA PRO A 96 15.73 15.67 -4.13
C PRO A 96 16.53 15.36 -5.39
N LEU A 97 15.96 15.76 -6.53
CA LEU A 97 16.56 15.56 -7.84
C LEU A 97 16.61 16.89 -8.58
N SER A 98 17.72 17.14 -9.26
CA SER A 98 17.83 18.36 -10.05
C SER A 98 17.00 18.23 -11.34
N PRO A 99 16.44 19.33 -11.83
CA PRO A 99 15.83 19.29 -13.17
C PRO A 99 16.79 18.83 -14.25
N GLU A 100 18.06 19.21 -14.15
CA GLU A 100 19.04 18.82 -15.16
C GLU A 100 19.22 17.30 -15.18
N THR A 101 19.37 16.68 -14.01
CA THR A 101 19.52 15.23 -13.96
C THR A 101 18.23 14.55 -14.43
N TRP A 102 17.08 15.10 -14.05
CA TRP A 102 15.82 14.58 -14.57
C TRP A 102 15.84 14.50 -16.09
N GLN A 103 16.36 15.54 -16.77
CA GLN A 103 16.33 15.49 -18.22
C GLN A 103 17.20 14.35 -18.76
N HIS A 104 18.37 14.11 -18.16
N HIS A 104 18.39 14.14 -18.18
CA HIS A 104 19.13 12.94 -18.60
CA HIS A 104 19.17 12.94 -18.51
C HIS A 104 18.32 11.66 -18.37
C HIS A 104 18.32 11.69 -18.37
N LEU A 105 17.69 11.50 -17.20
CA LEU A 105 16.88 10.30 -16.98
C LEU A 105 15.77 10.18 -18.01
N LYS A 106 15.12 11.30 -18.34
CA LYS A 106 14.06 11.25 -19.34
C LYS A 106 14.62 10.84 -20.70
N GLY A 107 15.84 11.27 -21.01
CA GLY A 107 16.48 10.85 -22.25
C GLY A 107 16.70 9.35 -22.28
N LEU A 108 17.12 8.77 -21.16
CA LEU A 108 17.34 7.32 -21.10
C LEU A 108 16.05 6.56 -21.39
N VAL A 109 14.95 6.96 -20.75
CA VAL A 109 13.71 6.22 -20.87
C VAL A 109 13.12 6.39 -22.27
N THR A 110 13.04 7.64 -22.75
CA THR A 110 12.41 7.86 -24.05
C THR A 110 13.21 7.21 -25.17
N ARG A 111 14.54 7.22 -25.08
CA ARG A 111 15.35 6.52 -26.07
C ARG A 111 15.10 5.01 -26.01
N GLN A 112 14.97 4.46 -24.79
CA GLN A 112 14.72 3.03 -24.66
C GLN A 112 13.38 2.64 -25.28
N LEU A 113 12.36 3.48 -25.12
CA LEU A 113 11.04 3.15 -25.65
C LEU A 113 10.89 3.53 -27.12
N SER A 114 11.82 4.28 -27.68
CA SER A 114 11.80 4.60 -29.10
C SER A 114 12.11 3.37 -29.94
N GLY A 115 11.45 3.25 -31.08
CA GLY A 115 11.69 2.13 -31.97
C GLY A 115 11.19 0.81 -31.42
N LYS A 116 10.31 0.83 -30.42
CA LYS A 116 9.73 -0.36 -29.83
C LYS A 116 8.24 -0.42 -30.15
N ARG A 117 7.69 -1.62 -30.05
CA ARG A 117 6.25 -1.75 -29.91
C ARG A 117 5.88 -1.35 -28.49
N LEU A 118 4.95 -0.40 -28.36
CA LEU A 118 4.60 0.15 -27.05
C LEU A 118 3.15 -0.14 -26.71
N PHE A 119 2.92 -0.47 -25.45
CA PHE A 119 1.59 -0.53 -24.87
C PHE A 119 1.30 0.81 -24.23
N VAL A 120 0.11 1.36 -24.50
CA VAL A 120 -0.34 2.61 -23.90
C VAL A 120 -1.65 2.32 -23.19
N VAL A 121 -1.67 2.51 -21.88
CA VAL A 121 -2.85 2.27 -21.05
C VAL A 121 -3.27 3.59 -20.44
N ASP A 122 -4.48 4.03 -20.77
CA ASP A 122 -5.10 5.19 -20.12
C ASP A 122 -6.00 4.68 -19.01
N ALA A 123 -5.92 5.32 -17.84
CA ALA A 123 -6.67 4.87 -16.68
C ALA A 123 -6.80 6.03 -15.69
N PHE A 124 -7.66 5.84 -14.69
CA PHE A 124 -7.84 6.84 -13.65
C PHE A 124 -7.24 6.36 -12.33
N CYS A 125 -6.74 7.32 -11.56
CA CYS A 125 -6.38 7.12 -10.17
C CYS A 125 -7.34 7.99 -9.36
N GLY A 126 -8.25 7.35 -8.64
CA GLY A 126 -9.33 8.05 -7.96
C GLY A 126 -10.69 7.76 -8.54
N ALA A 127 -11.62 7.30 -7.69
CA ALA A 127 -12.94 6.92 -8.15
C ALA A 127 -13.83 8.12 -8.49
N ASN A 128 -13.51 9.31 -7.97
CA ASN A 128 -14.35 10.48 -8.16
C ASN A 128 -13.82 11.36 -9.28
N PRO A 129 -14.66 11.75 -10.24
CA PRO A 129 -14.17 12.63 -11.32
C PRO A 129 -13.56 13.93 -10.83
N ASP A 130 -14.05 14.53 -9.75
CA ASP A 130 -13.60 15.86 -9.40
C ASP A 130 -12.17 15.88 -8.87
N THR A 131 -11.63 14.74 -8.41
CA THR A 131 -10.30 14.71 -7.84
C THR A 131 -9.37 13.68 -8.47
N ARG A 132 -9.83 12.91 -9.46
CA ARG A 132 -9.01 11.83 -9.99
C ARG A 132 -7.92 12.37 -10.91
N LEU A 133 -6.84 11.61 -10.99
CA LEU A 133 -5.81 11.82 -12.01
C LEU A 133 -6.13 10.98 -13.24
N SER A 134 -5.97 11.59 -14.41
CA SER A 134 -6.03 10.88 -15.68
C SER A 134 -4.60 10.50 -16.06
N VAL A 135 -4.25 9.23 -15.90
CA VAL A 135 -2.87 8.77 -16.05
C VAL A 135 -2.72 7.99 -17.35
N ARG A 136 -1.66 8.27 -18.08
CA ARG A 136 -1.28 7.54 -19.28
C ARG A 136 0.00 6.77 -18.99
N PHE A 137 -0.06 5.45 -19.08
CA PHE A 137 1.07 4.57 -18.82
C PHE A 137 1.65 4.09 -20.15
N ILE A 138 2.97 4.12 -20.27
CA ILE A 138 3.65 3.69 -21.50
C ILE A 138 4.70 2.65 -21.12
N THR A 139 4.65 1.49 -21.77
CA THR A 139 5.58 0.40 -21.50
C THR A 139 5.80 -0.43 -22.75
N GLU A 140 6.92 -1.15 -22.77
CA GLU A 140 7.21 -2.12 -23.83
C GLU A 140 7.04 -3.56 -23.35
N VAL A 141 6.58 -3.77 -22.12
CA VAL A 141 6.40 -5.10 -21.54
C VAL A 141 4.90 -5.33 -21.31
N ALA A 142 4.37 -6.39 -21.93
CA ALA A 142 2.93 -6.63 -21.86
C ALA A 142 2.44 -6.81 -20.43
N TRP A 143 3.17 -7.56 -19.60
CA TRP A 143 2.63 -7.80 -18.27
C TRP A 143 2.68 -6.54 -17.40
N GLN A 144 3.54 -5.56 -17.73
CA GLN A 144 3.48 -4.27 -17.05
C GLN A 144 2.20 -3.53 -17.41
N ALA A 145 1.80 -3.57 -18.69
CA ALA A 145 0.53 -2.95 -19.07
C ALA A 145 -0.62 -3.68 -18.40
N HIS A 146 -0.53 -5.00 -18.30
CA HIS A 146 -1.53 -5.79 -17.60
C HIS A 146 -1.65 -5.36 -16.15
N PHE A 147 -0.52 -5.16 -15.48
CA PHE A 147 -0.53 -4.73 -14.10
C PHE A 147 -1.33 -3.44 -13.93
N VAL A 148 -1.05 -2.43 -14.75
CA VAL A 148 -1.75 -1.16 -14.54
C VAL A 148 -3.19 -1.24 -15.02
N LYS A 149 -3.51 -2.10 -16.00
CA LYS A 149 -4.92 -2.32 -16.35
C LYS A 149 -5.68 -2.90 -15.17
N ASN A 150 -5.04 -3.81 -14.42
CA ASN A 150 -5.66 -4.40 -13.24
C ASN A 150 -5.82 -3.38 -12.12
N MET A 151 -4.77 -2.62 -11.81
CA MET A 151 -4.71 -1.89 -10.56
C MET A 151 -5.29 -0.49 -10.63
N PHE A 152 -5.33 0.14 -11.80
CA PHE A 152 -5.96 1.45 -11.91
C PHE A 152 -7.38 1.29 -12.43
N ILE A 153 -8.12 2.41 -12.41
CA ILE A 153 -9.53 2.39 -12.76
C ILE A 153 -9.66 2.43 -14.28
N ARG A 154 -10.32 1.43 -14.84
CA ARG A 154 -10.41 1.28 -16.28
C ARG A 154 -11.51 2.18 -16.83
N PRO A 155 -11.21 3.14 -17.71
CA PRO A 155 -12.24 4.07 -18.17
C PRO A 155 -13.26 3.41 -19.09
N SER A 156 -14.45 4.01 -19.14
CA SER A 156 -15.45 3.61 -20.12
C SER A 156 -15.05 4.11 -21.51
N ASP A 157 -15.71 3.55 -22.52
CA ASP A 157 -15.47 4.01 -23.88
C ASP A 157 -15.71 5.50 -24.02
N GLU A 158 -16.76 6.01 -23.36
CA GLU A 158 -17.03 7.45 -23.41
C GLU A 158 -15.90 8.25 -22.79
N GLU A 159 -15.38 7.79 -21.65
CA GLU A 159 -14.29 8.50 -20.98
C GLU A 159 -13.01 8.43 -21.79
N LEU A 160 -12.76 7.31 -22.48
CA LEU A 160 -11.57 7.22 -23.31
C LEU A 160 -11.62 8.21 -24.46
N ALA A 161 -12.82 8.43 -25.02
CA ALA A 161 -12.95 9.29 -26.18
C ALA A 161 -12.42 10.70 -25.90
N GLY A 162 -12.68 11.22 -24.71
CA GLY A 162 -12.20 12.54 -24.33
C GLY A 162 -11.10 12.50 -23.29
N PHE A 163 -10.28 11.46 -23.30
CA PHE A 163 -9.25 11.30 -22.29
C PHE A 163 -8.15 12.33 -22.49
N LYS A 164 -7.83 13.06 -21.42
CA LYS A 164 -6.76 14.07 -21.44
C LYS A 164 -5.82 13.74 -20.28
N PRO A 165 -4.62 13.22 -20.54
CA PRO A 165 -3.75 12.83 -19.43
C PRO A 165 -3.38 14.00 -18.53
N ASP A 166 -3.51 13.77 -17.21
CA ASP A 166 -3.02 14.63 -16.15
C ASP A 166 -1.59 14.28 -15.76
N PHE A 167 -1.22 13.00 -15.92
CA PHE A 167 0.07 12.46 -15.52
C PHE A 167 0.48 11.40 -16.54
N ILE A 168 1.78 11.33 -16.82
CA ILE A 168 2.36 10.34 -17.74
C ILE A 168 3.37 9.50 -16.96
N VAL A 169 3.26 8.18 -17.09
CA VAL A 169 4.18 7.23 -16.47
C VAL A 169 4.87 6.48 -17.60
N MET A 170 6.18 6.67 -17.72
CA MET A 170 6.97 6.05 -18.77
C MET A 170 7.87 4.99 -18.10
N ASN A 171 7.60 3.74 -18.39
CA ASN A 171 8.32 2.64 -17.76
C ASN A 171 9.42 2.19 -18.72
N GLY A 172 10.65 2.55 -18.40
CA GLY A 172 11.81 2.13 -19.15
C GLY A 172 12.63 1.10 -18.39
N ALA A 173 11.96 0.10 -17.83
CA ALA A 173 12.62 -0.89 -16.98
C ALA A 173 13.87 -1.48 -17.61
N LYS A 174 13.90 -1.65 -18.93
CA LYS A 174 15.04 -2.32 -19.56
C LYS A 174 16.26 -1.44 -19.69
N CYS A 175 16.16 -0.13 -19.46
CA CYS A 175 17.32 0.73 -19.51
C CYS A 175 17.90 0.89 -18.11
N THR A 176 19.15 1.35 -18.05
CA THR A 176 19.80 1.70 -16.79
C THR A 176 20.55 3.01 -17.00
N ASN A 177 20.99 3.61 -15.89
CA ASN A 177 21.61 4.93 -15.92
C ASN A 177 23.12 4.80 -15.74
N PRO A 178 23.92 4.91 -16.81
CA PRO A 178 25.39 4.76 -16.65
C PRO A 178 26.04 5.92 -15.91
N GLN A 179 25.35 7.03 -15.71
CA GLN A 179 25.92 8.22 -15.10
C GLN A 179 25.61 8.36 -13.61
N TRP A 180 25.08 7.31 -12.98
CA TRP A 180 24.52 7.48 -11.64
C TRP A 180 25.56 7.93 -10.63
N LYS A 181 26.80 7.42 -10.75
CA LYS A 181 27.85 7.83 -9.83
C LYS A 181 28.10 9.33 -9.93
N GLU A 182 28.30 9.84 -11.14
CA GLU A 182 28.56 11.26 -11.34
C GLU A 182 27.39 12.11 -10.85
N GLN A 183 26.18 11.57 -10.89
CA GLN A 183 24.99 12.33 -10.53
C GLN A 183 24.61 12.18 -9.06
N GLY A 184 25.38 11.42 -8.30
CA GLY A 184 25.13 11.29 -6.87
C GLY A 184 23.90 10.49 -6.52
N LEU A 185 23.48 9.57 -7.40
CA LEU A 185 22.32 8.75 -7.14
C LEU A 185 22.72 7.43 -6.48
N ASN A 186 21.72 6.64 -6.10
CA ASN A 186 21.97 5.46 -5.28
C ASN A 186 22.44 4.28 -6.10
N SER A 187 22.00 4.15 -7.35
CA SER A 187 22.34 3.01 -8.19
C SER A 187 22.06 3.37 -9.64
N GLU A 188 22.22 2.40 -10.53
CA GLU A 188 21.91 2.57 -11.95
C GLU A 188 20.42 2.54 -12.23
N ASN A 189 19.60 2.28 -11.21
CA ASN A 189 18.15 2.24 -11.34
C ASN A 189 17.57 3.56 -10.85
N PHE A 190 16.31 3.82 -11.23
CA PHE A 190 15.69 5.06 -10.77
C PHE A 190 14.18 4.97 -10.88
N VAL A 191 13.53 5.61 -9.91
CA VAL A 191 12.09 5.81 -9.89
C VAL A 191 11.91 7.29 -9.58
N ALA A 192 11.69 8.11 -10.61
CA ALA A 192 11.78 9.56 -10.49
C ALA A 192 10.45 10.21 -10.82
N PHE A 193 10.15 11.28 -10.10
CA PHE A 193 8.91 12.03 -10.27
C PHE A 193 9.21 13.50 -10.50
N ASN A 194 8.41 14.12 -11.38
CA ASN A 194 8.55 15.54 -11.68
C ASN A 194 7.15 16.14 -11.69
N LEU A 195 6.85 16.97 -10.69
CA LEU A 195 5.52 17.55 -10.53
C LEU A 195 5.30 18.76 -11.44
N THR A 196 6.35 19.31 -12.02
CA THR A 196 6.18 20.37 -13.01
C THR A 196 5.77 19.79 -14.36
N GLU A 197 6.45 18.75 -14.82
CA GLU A 197 6.07 18.08 -16.06
C GLU A 197 4.96 17.05 -15.83
N ARG A 198 4.65 16.73 -14.57
CA ARG A 198 3.63 15.73 -14.20
C ARG A 198 3.93 14.39 -14.88
N MET A 199 5.06 13.82 -14.45
CA MET A 199 5.60 12.63 -15.09
C MET A 199 6.31 11.76 -14.06
N GLN A 200 6.25 10.45 -14.27
CA GLN A 200 7.06 9.48 -13.55
C GLN A 200 7.92 8.72 -14.55
N LEU A 201 9.19 8.54 -14.22
CA LEU A 201 10.13 7.76 -15.03
C LEU A 201 10.61 6.56 -14.22
N ILE A 202 10.69 5.40 -14.86
CA ILE A 202 11.21 4.20 -14.22
C ILE A 202 12.31 3.62 -15.10
N GLY A 203 13.43 3.29 -14.46
CA GLY A 203 14.54 2.63 -15.13
C GLY A 203 15.15 1.54 -14.27
N GLY A 204 15.49 0.42 -14.89
CA GLY A 204 16.22 -0.64 -14.20
C GLY A 204 15.39 -1.68 -13.50
N THR A 205 14.39 -1.25 -12.74
CA THR A 205 13.47 -2.18 -12.07
C THR A 205 12.24 -2.40 -12.92
N TRP A 206 11.88 -3.67 -13.11
CA TRP A 206 10.65 -4.04 -13.82
C TRP A 206 9.43 -4.06 -12.91
N TYR A 207 9.61 -3.88 -11.61
CA TYR A 207 8.56 -4.18 -10.65
C TYR A 207 7.37 -3.27 -10.88
N GLY A 208 6.20 -3.88 -11.11
CA GLY A 208 5.05 -3.11 -11.55
C GLY A 208 4.54 -2.14 -10.50
N SER A 209 4.59 -2.53 -9.23
CA SER A 209 4.01 -1.71 -8.19
C SER A 209 4.71 -0.36 -8.00
N GLU A 210 5.89 -0.16 -8.61
CA GLU A 210 6.45 1.18 -8.61
C GLU A 210 5.49 2.18 -9.24
N MET A 211 4.72 1.75 -10.25
CA MET A 211 3.74 2.62 -10.89
C MET A 211 2.53 2.82 -10.00
N LYS A 212 2.05 1.75 -9.37
CA LYS A 212 0.93 1.83 -8.43
C LYS A 212 1.25 2.78 -7.28
N LYS A 213 2.34 2.50 -6.55
CA LYS A 213 2.68 3.35 -5.41
C LYS A 213 3.21 4.70 -5.86
N GLY A 214 3.70 4.81 -7.10
CA GLY A 214 4.11 6.11 -7.61
C GLY A 214 2.94 7.07 -7.73
N MET A 215 1.84 6.61 -8.34
CA MET A 215 0.65 7.45 -8.45
C MET A 215 -0.02 7.65 -7.09
N PHE A 216 0.03 6.65 -6.21
CA PHE A 216 -0.44 6.85 -4.83
C PHE A 216 0.28 8.02 -4.19
N SER A 217 1.61 8.06 -4.34
CA SER A 217 2.40 9.16 -3.80
C SER A 217 1.95 10.51 -4.36
N MET A 218 1.53 10.53 -5.63
CA MET A 218 1.08 11.78 -6.22
C MET A 218 -0.29 12.17 -5.69
N MET A 219 -1.19 11.20 -5.50
CA MET A 219 -2.46 11.49 -4.82
C MET A 219 -2.21 12.00 -3.41
N ASN A 220 -1.23 11.40 -2.72
CA ASN A 220 -0.90 11.80 -1.35
C ASN A 220 -0.37 13.22 -1.30
N TYR A 221 0.12 13.73 -2.42
CA TYR A 221 0.57 15.11 -2.50
C TYR A 221 -0.61 16.05 -2.75
N LEU A 222 -1.46 15.71 -3.71
CA LEU A 222 -2.47 16.65 -4.21
C LEU A 222 -3.70 16.72 -3.30
N LEU A 223 -4.15 15.58 -2.76
CA LEU A 223 -5.45 15.56 -2.09
C LEU A 223 -5.43 16.30 -0.76
N PRO A 224 -4.49 16.07 0.15
CA PRO A 224 -4.52 16.78 1.44
C PRO A 224 -4.37 18.28 1.30
N LEU A 225 -3.70 18.75 0.26
CA LEU A 225 -3.56 20.18 0.02
C LEU A 225 -4.88 20.85 -0.32
N LYS A 226 -5.94 20.08 -0.59
CA LYS A 226 -7.29 20.65 -0.71
C LYS A 226 -8.25 19.98 0.26
N GLY A 227 -7.74 19.51 1.40
CA GLY A 227 -8.59 19.11 2.50
C GLY A 227 -9.12 17.70 2.44
N ILE A 228 -8.56 16.85 1.59
CA ILE A 228 -9.03 15.49 1.39
C ILE A 228 -7.99 14.55 1.96
N ALA A 229 -8.40 13.70 2.89
CA ALA A 229 -7.47 12.72 3.44
C ALA A 229 -7.08 11.74 2.35
N SER A 230 -5.82 11.31 2.37
CA SER A 230 -5.29 10.37 1.41
C SER A 230 -4.56 9.30 2.19
N MET A 231 -5.04 8.06 2.11
CA MET A 231 -4.84 7.09 3.16
C MET A 231 -4.31 5.76 2.63
N HIS A 232 -3.32 5.21 3.32
CA HIS A 232 -2.84 3.85 3.09
C HIS A 232 -3.69 2.90 3.94
N CYS A 233 -4.85 2.53 3.40
CA CYS A 233 -5.80 1.73 4.13
C CYS A 233 -6.64 0.92 3.16
N SER A 234 -7.19 -0.18 3.67
CA SER A 234 -8.29 -0.84 3.00
C SER A 234 -9.59 -0.29 3.58
N ALA A 235 -10.70 -0.65 2.93
CA ALA A 235 -11.99 -0.09 3.34
C ALA A 235 -13.11 -1.02 2.89
N ASN A 236 -14.13 -1.16 3.73
CA ASN A 236 -15.32 -1.90 3.33
C ASN A 236 -16.53 -1.35 4.08
N VAL A 237 -17.70 -1.86 3.73
CA VAL A 237 -18.95 -1.32 4.24
C VAL A 237 -19.92 -2.47 4.46
N GLY A 238 -20.64 -2.42 5.58
CA GLY A 238 -21.62 -3.42 5.92
C GLY A 238 -22.97 -3.13 5.31
N GLU A 239 -23.90 -4.07 5.52
CA GLU A 239 -25.26 -3.90 5.00
C GLU A 239 -25.91 -2.65 5.56
N LYS A 240 -25.68 -2.35 6.85
CA LYS A 240 -26.27 -1.15 7.44
C LYS A 240 -25.60 0.14 6.95
N GLY A 241 -24.68 0.11 5.96
CA GLY A 241 -24.07 1.31 5.45
C GLY A 241 -22.89 1.82 6.27
N ASP A 242 -22.48 1.09 7.29
CA ASP A 242 -21.38 1.51 8.14
C ASP A 242 -20.05 1.20 7.48
N VAL A 243 -19.20 2.22 7.37
CA VAL A 243 -17.92 2.13 6.66
C VAL A 243 -16.79 1.97 7.66
N ALA A 244 -15.83 1.11 7.32
CA ALA A 244 -14.62 0.93 8.11
C ALA A 244 -13.40 1.11 7.22
N VAL A 245 -12.34 1.71 7.79
CA VAL A 245 -11.04 1.75 7.12
C VAL A 245 -10.02 1.05 8.00
N PHE A 246 -9.06 0.38 7.35
CA PHE A 246 -8.01 -0.39 8.00
C PHE A 246 -6.66 0.13 7.55
N PHE A 247 -5.99 0.92 8.40
CA PHE A 247 -4.61 1.34 8.14
C PHE A 247 -3.63 0.24 8.54
N GLY A 248 -2.44 0.32 7.98
CA GLY A 248 -1.37 -0.58 8.39
C GLY A 248 -0.26 -0.61 7.38
N LEU A 249 0.92 -1.04 7.85
CA LEU A 249 2.07 -1.15 6.98
C LEU A 249 2.00 -2.45 6.18
N SER A 250 3.01 -2.68 5.34
CA SER A 250 2.98 -3.85 4.49
C SER A 250 2.94 -5.13 5.33
N GLY A 251 2.07 -6.05 4.94
CA GLY A 251 1.98 -7.35 5.58
C GLY A 251 1.17 -7.39 6.86
N THR A 252 0.52 -6.30 7.24
CA THR A 252 -0.19 -6.26 8.52
C THR A 252 -1.64 -6.72 8.42
N GLY A 253 -2.19 -6.81 7.21
CA GLY A 253 -3.49 -7.45 7.03
C GLY A 253 -4.56 -6.62 6.35
N LYS A 254 -4.21 -5.48 5.75
CA LYS A 254 -5.23 -4.63 5.12
C LYS A 254 -6.02 -5.40 4.07
N THR A 255 -5.31 -6.08 3.16
CA THR A 255 -6.00 -6.80 2.10
C THR A 255 -6.67 -8.06 2.64
N THR A 256 -5.94 -8.83 3.45
CA THR A 256 -6.49 -10.07 4.00
C THR A 256 -7.80 -9.80 4.74
N LEU A 257 -7.81 -8.79 5.60
CA LEU A 257 -8.93 -8.62 6.52
C LEU A 257 -10.07 -7.81 5.94
N SER A 258 -9.81 -6.95 4.96
CA SER A 258 -10.89 -6.21 4.33
C SER A 258 -11.67 -7.08 3.36
N THR A 259 -11.04 -8.12 2.82
CA THR A 259 -11.68 -9.02 1.87
C THR A 259 -12.47 -10.03 2.69
N ASP A 260 -13.69 -9.63 3.04
CA ASP A 260 -14.52 -10.29 4.05
C ASP A 260 -15.87 -10.54 3.41
N PRO A 261 -16.32 -11.79 3.30
CA PRO A 261 -17.60 -12.03 2.59
C PRO A 261 -18.80 -11.42 3.28
N LYS A 262 -18.70 -11.13 4.59
CA LYS A 262 -19.78 -10.47 5.31
C LYS A 262 -19.87 -8.98 4.99
N ARG A 263 -19.00 -8.43 4.16
CA ARG A 263 -19.01 -7.00 3.91
C ARG A 263 -18.66 -6.73 2.45
N ARG A 264 -19.05 -5.55 1.98
CA ARG A 264 -18.83 -5.15 0.61
C ARG A 264 -17.49 -4.42 0.53
N LEU A 265 -16.57 -4.96 -0.25
CA LEU A 265 -15.26 -4.37 -0.38
C LEU A 265 -15.33 -3.06 -1.16
N ILE A 266 -14.78 -1.99 -0.56
CA ILE A 266 -14.56 -0.74 -1.29
C ILE A 266 -13.22 -0.77 -2.01
N GLY A 267 -12.17 -1.20 -1.31
CA GLY A 267 -10.84 -1.28 -1.86
C GLY A 267 -9.91 -1.81 -0.79
N ASP A 268 -8.71 -2.23 -1.21
CA ASP A 268 -7.81 -2.91 -0.28
C ASP A 268 -6.55 -2.13 0.08
N ASP A 269 -6.29 -0.94 -0.48
CA ASP A 269 -4.98 -0.34 -0.22
C ASP A 269 -4.87 1.19 -0.23
N GLU A 270 -5.67 1.88 -1.04
CA GLU A 270 -5.48 3.32 -1.26
C GLU A 270 -6.84 3.99 -1.31
N HIS A 271 -7.10 4.92 -0.39
CA HIS A 271 -8.39 5.60 -0.35
C HIS A 271 -8.24 7.06 0.04
N GLY A 272 -9.18 7.87 -0.46
CA GLY A 272 -9.36 9.22 -0.01
C GLY A 272 -10.60 9.35 0.86
N TRP A 273 -10.70 10.50 1.52
CA TRP A 273 -11.84 10.79 2.41
C TRP A 273 -12.16 12.27 2.24
N ASP A 274 -13.23 12.56 1.49
CA ASP A 274 -13.64 13.93 1.19
C ASP A 274 -14.98 14.21 1.89
N ASP A 275 -15.66 15.27 1.45
CA ASP A 275 -16.90 15.68 2.11
C ASP A 275 -18.02 14.64 1.97
N ASP A 276 -17.94 13.76 0.97
CA ASP A 276 -18.99 12.77 0.76
C ASP A 276 -18.68 11.42 1.41
N GLY A 277 -17.41 11.08 1.58
CA GLY A 277 -17.06 9.84 2.24
C GLY A 277 -15.75 9.28 1.69
N VAL A 278 -15.62 7.95 1.80
CA VAL A 278 -14.38 7.24 1.53
C VAL A 278 -14.44 6.66 0.14
N PHE A 279 -13.39 6.89 -0.67
CA PHE A 279 -13.38 6.44 -2.05
C PHE A 279 -12.05 5.79 -2.42
N ASN A 280 -12.13 4.72 -3.20
CA ASN A 280 -10.96 3.98 -3.65
C ASN A 280 -10.23 4.75 -4.74
N PHE A 281 -8.89 4.66 -4.74
CA PHE A 281 -8.10 5.19 -5.84
C PHE A 281 -7.95 4.20 -6.98
N GLU A 282 -8.18 2.91 -6.74
CA GLU A 282 -7.73 1.84 -7.60
C GLU A 282 -8.89 1.07 -8.22
N GLY A 283 -8.55 0.27 -9.24
CA GLY A 283 -9.50 -0.61 -9.88
C GLY A 283 -9.22 -2.08 -9.65
N GLY A 284 -8.32 -2.43 -8.76
CA GLY A 284 -7.98 -3.81 -8.49
C GLY A 284 -7.35 -3.95 -7.13
N CYS A 285 -6.95 -5.18 -6.83
CA CYS A 285 -6.35 -5.51 -5.55
C CYS A 285 -5.05 -6.26 -5.80
N TYR A 286 -4.12 -6.12 -4.86
CA TYR A 286 -2.76 -6.62 -5.01
C TYR A 286 -2.43 -7.47 -3.78
N ALA A 287 -2.85 -8.73 -3.83
CA ALA A 287 -2.81 -9.61 -2.66
C ALA A 287 -1.46 -10.30 -2.53
N LYS A 288 -1.07 -10.58 -1.28
CA LYS A 288 0.07 -11.43 -1.01
C LYS A 288 -0.35 -12.89 -1.14
N THR A 289 0.53 -13.72 -1.73
CA THR A 289 0.21 -15.12 -1.93
C THR A 289 1.11 -16.07 -1.15
N ILE A 290 2.06 -15.57 -0.36
CA ILE A 290 2.95 -16.47 0.36
C ILE A 290 2.13 -17.29 1.35
N LYS A 291 2.26 -18.62 1.25
CA LYS A 291 1.54 -19.56 2.10
C LYS A 291 0.02 -19.42 1.98
N LEU A 292 -0.47 -18.97 0.82
CA LEU A 292 -1.89 -18.72 0.66
C LEU A 292 -2.69 -19.98 0.91
N SER A 293 -3.74 -19.86 1.71
CA SER A 293 -4.61 -20.97 2.06
C SER A 293 -5.99 -20.72 1.48
N LYS A 294 -6.47 -21.65 0.64
CA LYS A 294 -7.82 -21.52 0.08
C LYS A 294 -8.87 -21.48 1.17
N GLU A 295 -8.66 -22.22 2.27
CA GLU A 295 -9.65 -22.24 3.33
C GLU A 295 -9.59 -20.99 4.20
N ALA A 296 -8.39 -20.44 4.41
CA ALA A 296 -8.27 -19.24 5.24
C ALA A 296 -8.67 -17.99 4.48
N GLU A 297 -8.36 -17.91 3.18
CA GLU A 297 -8.64 -16.73 2.37
C GLU A 297 -9.32 -17.16 1.07
N PRO A 298 -10.59 -17.59 1.16
CA PRO A 298 -11.26 -18.14 -0.03
C PRO A 298 -11.54 -17.10 -1.11
N GLU A 299 -11.94 -15.88 -0.74
CA GLU A 299 -12.24 -14.87 -1.74
C GLU A 299 -10.99 -14.50 -2.53
N ILE A 300 -9.87 -14.28 -1.85
CA ILE A 300 -8.63 -13.95 -2.54
C ILE A 300 -8.21 -15.11 -3.44
N TYR A 301 -8.24 -16.33 -2.91
CA TYR A 301 -7.85 -17.49 -3.69
C TYR A 301 -8.70 -17.60 -4.96
N ASN A 302 -10.02 -17.46 -4.83
N ASN A 302 -10.02 -17.44 -4.81
CA ASN A 302 -10.89 -17.63 -5.98
CA ASN A 302 -10.94 -17.57 -5.92
C ASN A 302 -10.77 -16.49 -6.98
C ASN A 302 -10.69 -16.53 -7.00
N ALA A 303 -10.16 -15.36 -6.60
CA ALA A 303 -9.86 -14.31 -7.56
C ALA A 303 -8.70 -14.66 -8.47
N ILE A 304 -7.94 -15.72 -8.17
CA ILE A 304 -6.78 -16.10 -8.97
C ILE A 304 -7.29 -16.95 -10.13
N ARG A 305 -7.48 -16.31 -11.27
CA ARG A 305 -8.00 -16.95 -12.46
C ARG A 305 -7.64 -16.06 -13.64
N ARG A 306 -8.12 -16.43 -14.83
CA ARG A 306 -7.77 -15.68 -16.03
C ARG A 306 -7.98 -14.18 -15.81
N ASP A 307 -6.94 -13.41 -16.13
CA ASP A 307 -6.86 -11.94 -16.04
C ASP A 307 -6.22 -11.50 -14.72
N ALA A 308 -6.15 -12.39 -13.73
CA ALA A 308 -5.24 -12.12 -12.62
C ALA A 308 -3.81 -12.29 -13.11
N LEU A 309 -2.87 -11.63 -12.41
CA LEU A 309 -1.46 -11.67 -12.78
C LEU A 309 -0.63 -12.04 -11.55
N LEU A 310 -0.12 -13.26 -11.55
CA LEU A 310 0.72 -13.75 -10.47
C LEU A 310 2.15 -13.28 -10.66
N GLU A 311 2.81 -12.95 -9.54
CA GLU A 311 4.18 -12.45 -9.56
C GLU A 311 5.06 -13.34 -8.69
N ASN A 312 6.09 -13.91 -9.31
CA ASN A 312 7.23 -14.52 -8.62
C ASN A 312 6.86 -15.78 -7.86
N VAL A 313 5.67 -16.34 -8.09
CA VAL A 313 5.34 -17.62 -7.47
C VAL A 313 6.09 -18.74 -8.18
N THR A 314 6.25 -19.85 -7.47
CA THR A 314 6.84 -21.06 -8.04
C THR A 314 5.75 -21.85 -8.76
N VAL A 315 5.95 -22.08 -10.05
CA VAL A 315 5.04 -22.87 -10.87
C VAL A 315 5.75 -24.16 -11.24
N ARG A 316 5.12 -25.29 -10.92
CA ARG A 316 5.73 -26.58 -11.21
C ARG A 316 5.56 -26.93 -12.68
N GLU A 317 6.25 -27.98 -13.10
CA GLU A 317 6.20 -28.40 -14.50
C GLU A 317 4.77 -28.66 -14.96
N ASP A 318 3.91 -29.16 -14.07
CA ASP A 318 2.53 -29.48 -14.42
C ASP A 318 1.59 -28.30 -14.30
N GLY A 319 2.12 -27.10 -14.04
CA GLY A 319 1.30 -25.91 -13.99
C GLY A 319 0.73 -25.57 -12.63
N THR A 320 0.85 -26.45 -11.64
CA THR A 320 0.36 -26.13 -10.31
C THR A 320 1.29 -25.14 -9.62
N ILE A 321 0.73 -24.41 -8.67
CA ILE A 321 1.45 -23.35 -7.96
C ILE A 321 1.84 -23.86 -6.59
N ASP A 322 3.12 -23.69 -6.24
CA ASP A 322 3.56 -23.92 -4.86
C ASP A 322 3.53 -22.58 -4.16
N PHE A 323 2.39 -22.28 -3.54
CA PHE A 323 2.21 -21.00 -2.85
C PHE A 323 3.09 -20.89 -1.61
N ASP A 324 3.61 -22.00 -1.09
CA ASP A 324 4.43 -21.97 0.11
C ASP A 324 5.88 -21.59 -0.16
N ASP A 325 6.30 -21.57 -1.41
CA ASP A 325 7.72 -21.44 -1.75
C ASP A 325 8.11 -19.98 -1.84
N GLY A 326 8.92 -19.53 -0.89
CA GLY A 326 9.43 -18.17 -0.90
C GLY A 326 10.86 -18.06 -1.38
N SER A 327 11.30 -19.02 -2.21
CA SER A 327 12.69 -19.06 -2.64
C SER A 327 13.07 -17.81 -3.43
N LYS A 328 12.21 -17.39 -4.35
CA LYS A 328 12.49 -16.17 -5.11
C LYS A 328 12.30 -14.94 -4.21
N THR A 329 11.19 -14.89 -3.49
CA THR A 329 10.89 -13.78 -2.61
C THR A 329 9.75 -14.22 -1.69
N GLU A 330 9.73 -13.65 -0.49
CA GLU A 330 8.55 -13.77 0.35
C GLU A 330 7.42 -12.88 -0.14
N ASN A 331 7.72 -11.89 -0.99
CA ASN A 331 6.73 -10.94 -1.50
C ASN A 331 6.05 -11.44 -2.76
N THR A 332 5.66 -12.71 -2.81
CA THR A 332 4.86 -13.19 -3.93
C THR A 332 3.51 -12.50 -3.90
N ARG A 333 2.99 -12.17 -5.06
CA ARG A 333 1.82 -11.30 -5.18
C ARG A 333 0.94 -11.77 -6.32
N VAL A 334 -0.31 -11.32 -6.29
CA VAL A 334 -1.21 -11.45 -7.43
C VAL A 334 -2.03 -10.17 -7.50
N SER A 335 -2.12 -9.59 -8.70
CA SER A 335 -3.04 -8.49 -8.94
C SER A 335 -4.24 -9.01 -9.71
N TYR A 336 -5.40 -8.41 -9.44
CA TYR A 336 -6.63 -8.76 -10.16
C TYR A 336 -7.54 -7.55 -10.16
N PRO A 337 -8.34 -7.38 -11.22
CA PRO A 337 -9.37 -6.35 -11.18
C PRO A 337 -10.34 -6.64 -10.03
N ILE A 338 -10.89 -5.58 -9.46
CA ILE A 338 -11.57 -5.73 -8.18
C ILE A 338 -12.84 -6.54 -8.30
N TYR A 339 -13.41 -6.66 -9.51
CA TYR A 339 -14.61 -7.46 -9.66
C TYR A 339 -14.34 -8.96 -9.63
N HIS A 340 -13.08 -9.37 -9.52
CA HIS A 340 -12.78 -10.76 -9.21
C HIS A 340 -13.17 -11.13 -7.78
N ILE A 341 -13.48 -10.14 -6.94
CA ILE A 341 -14.05 -10.37 -5.62
C ILE A 341 -15.56 -10.31 -5.74
N ASP A 342 -16.25 -11.26 -5.08
CA ASP A 342 -17.67 -11.44 -5.31
C ASP A 342 -18.49 -10.33 -4.66
N ASN A 343 -18.13 -9.90 -3.46
CA ASN A 343 -18.93 -8.92 -2.71
C ASN A 343 -18.16 -7.60 -2.66
N ILE A 344 -18.41 -6.74 -3.65
CA ILE A 344 -17.76 -5.45 -3.75
C ILE A 344 -18.82 -4.37 -3.94
N VAL A 345 -18.43 -3.14 -3.63
CA VAL A 345 -19.24 -1.97 -3.97
C VAL A 345 -19.11 -1.71 -5.46
N LYS A 346 -20.25 -1.50 -6.12
CA LYS A 346 -20.25 -1.18 -7.54
C LYS A 346 -21.49 -0.36 -7.87
N PRO A 347 -21.45 0.42 -8.96
CA PRO A 347 -20.43 0.50 -10.01
C PRO A 347 -19.21 1.39 -9.71
N VAL A 348 -19.24 2.10 -8.59
CA VAL A 348 -18.17 3.02 -8.21
C VAL A 348 -17.69 2.63 -6.82
N SER A 349 -16.37 2.48 -6.66
CA SER A 349 -15.79 2.02 -5.40
C SER A 349 -15.70 3.18 -4.42
N LYS A 350 -16.82 3.45 -3.74
CA LYS A 350 -16.87 4.48 -2.71
C LYS A 350 -18.09 4.25 -1.82
N ALA A 351 -18.07 4.89 -0.67
CA ALA A 351 -19.20 4.83 0.27
C ALA A 351 -19.15 6.05 1.18
N GLY A 352 -19.93 6.02 2.24
CA GLY A 352 -20.05 7.15 3.14
C GLY A 352 -18.85 7.31 4.06
N HIS A 353 -19.07 8.07 5.14
CA HIS A 353 -18.01 8.40 6.08
C HIS A 353 -17.72 7.21 6.99
N ALA A 354 -16.43 6.96 7.19
CA ALA A 354 -16.00 5.87 8.07
C ALA A 354 -16.32 6.22 9.53
N THR A 355 -16.91 5.26 10.24
CA THR A 355 -17.15 5.37 11.66
C THR A 355 -16.30 4.42 12.49
N LYS A 356 -15.60 3.49 11.85
CA LYS A 356 -14.63 2.61 12.51
C LYS A 356 -13.30 2.78 11.79
N VAL A 357 -12.27 3.14 12.54
CA VAL A 357 -10.92 3.32 12.01
C VAL A 357 -10.01 2.34 12.74
N ILE A 358 -9.41 1.43 12.01
CA ILE A 358 -8.65 0.33 12.58
C ILE A 358 -7.20 0.46 12.14
N PHE A 359 -6.29 0.55 13.11
CA PHE A 359 -4.85 0.56 12.88
C PHE A 359 -4.35 -0.87 13.06
N LEU A 360 -3.91 -1.49 11.96
CA LEU A 360 -3.32 -2.82 12.04
C LEU A 360 -1.82 -2.72 12.24
N THR A 361 -1.29 -3.59 13.11
CA THR A 361 0.14 -3.69 13.34
C THR A 361 0.48 -5.15 13.56
N ALA A 362 1.67 -5.54 13.12
CA ALA A 362 2.18 -6.89 13.34
C ALA A 362 3.36 -6.75 14.31
N ASP A 363 3.08 -6.92 15.60
CA ASP A 363 4.06 -6.64 16.64
C ASP A 363 4.92 -7.88 16.87
N ALA A 364 6.10 -7.90 16.25
CA ALA A 364 7.06 -8.97 16.45
C ALA A 364 7.60 -9.02 17.87
N PHE A 365 7.49 -7.92 18.62
CA PHE A 365 7.92 -7.92 20.02
C PHE A 365 6.95 -8.69 20.92
N GLY A 366 5.76 -9.01 20.43
CA GLY A 366 4.80 -9.74 21.25
C GLY A 366 4.35 -8.98 22.47
N VAL A 367 4.20 -7.66 22.35
CA VAL A 367 3.86 -6.78 23.47
C VAL A 367 2.42 -6.30 23.37
N LEU A 368 2.00 -5.87 22.18
CA LEU A 368 0.74 -5.18 22.05
C LEU A 368 -0.42 -6.17 22.09
N PRO A 369 -1.58 -5.76 22.61
CA PRO A 369 -2.70 -6.67 22.72
C PRO A 369 -3.37 -6.89 21.37
N PRO A 370 -4.08 -8.00 21.21
CA PRO A 370 -4.76 -8.23 19.93
C PRO A 370 -5.72 -7.12 19.55
N VAL A 371 -6.40 -6.50 20.51
CA VAL A 371 -7.28 -5.38 20.19
C VAL A 371 -7.31 -4.40 21.38
N SER A 372 -7.18 -3.11 21.06
CA SER A 372 -7.33 -2.01 22.01
C SER A 372 -8.23 -0.96 21.41
N ARG A 373 -8.99 -0.29 22.27
CA ARG A 373 -9.82 0.83 21.88
C ARG A 373 -9.10 2.12 22.25
N LEU A 374 -8.84 2.97 21.26
CA LEU A 374 -7.96 4.11 21.45
C LEU A 374 -8.73 5.37 21.85
N THR A 375 -8.11 6.17 22.72
CA THR A 375 -8.55 7.53 22.95
C THR A 375 -8.24 8.39 21.73
N ALA A 376 -8.87 9.58 21.68
CA ALA A 376 -8.61 10.50 20.58
C ALA A 376 -7.13 10.83 20.46
N ASP A 377 -6.46 11.11 21.59
CA ASP A 377 -5.05 11.46 21.54
C ASP A 377 -4.19 10.24 21.21
N GLN A 378 -4.54 9.07 21.74
CA GLN A 378 -3.80 7.87 21.37
C GLN A 378 -3.92 7.60 19.87
N THR A 379 -5.06 7.95 19.28
CA THR A 379 -5.24 7.79 17.84
C THR A 379 -4.21 8.60 17.08
N GLN A 380 -4.06 9.88 17.41
CA GLN A 380 -3.07 10.71 16.73
C GLN A 380 -1.65 10.24 17.04
N TYR A 381 -1.38 9.87 18.29
CA TYR A 381 -0.05 9.40 18.65
C TYR A 381 0.34 8.20 17.83
N HIS A 382 -0.52 7.18 17.77
CA HIS A 382 -0.16 5.96 17.09
C HIS A 382 -0.24 6.10 15.57
N PHE A 383 -1.06 7.04 15.08
CA PHE A 383 -1.09 7.32 13.66
C PHE A 383 0.24 7.93 13.20
N LEU A 384 0.76 8.90 13.95
CA LEU A 384 2.05 9.49 13.61
C LEU A 384 3.19 8.51 13.86
N SER A 385 3.06 7.64 14.86
CA SER A 385 4.11 6.67 15.13
C SER A 385 4.24 5.67 13.99
N GLY A 386 3.11 5.11 13.55
CA GLY A 386 3.09 4.17 12.45
C GLY A 386 3.94 2.93 12.65
N PHE A 387 3.66 2.17 13.72
CA PHE A 387 4.53 1.08 14.13
C PHE A 387 4.14 -0.26 13.51
N THR A 388 5.16 -1.02 13.13
CA THR A 388 5.08 -2.47 12.97
C THR A 388 6.46 -3.01 13.25
N ALA A 389 6.56 -4.34 13.35
CA ALA A 389 7.86 -4.97 13.54
C ALA A 389 7.88 -6.29 12.79
N LYS A 390 9.10 -6.78 12.56
CA LYS A 390 9.31 -8.01 11.81
C LYS A 390 10.27 -8.91 12.58
N LEU A 391 10.16 -10.22 12.32
CA LEU A 391 11.14 -11.15 12.84
C LEU A 391 12.35 -11.13 11.92
N GLY A 397 17.85 -18.04 11.99
CA GLY A 397 17.36 -18.85 13.08
C GLY A 397 17.20 -18.09 14.38
N ILE A 398 17.31 -16.77 14.29
CA ILE A 398 17.12 -15.89 15.44
C ILE A 398 15.84 -15.09 15.21
N THR A 399 15.33 -14.53 16.30
CA THR A 399 14.12 -13.72 16.24
C THR A 399 14.45 -12.27 15.91
N GLU A 400 15.16 -11.59 16.83
CA GLU A 400 15.59 -10.22 16.63
C GLU A 400 14.44 -9.35 16.11
N PRO A 401 13.41 -9.11 16.93
CA PRO A 401 12.34 -8.20 16.49
C PRO A 401 12.91 -6.91 15.97
N THR A 402 12.58 -6.56 14.73
CA THR A 402 13.12 -5.37 14.09
C THR A 402 12.01 -4.34 13.92
N PRO A 403 12.06 -3.21 14.62
CA PRO A 403 10.96 -2.26 14.53
C PRO A 403 11.01 -1.41 13.27
N THR A 404 9.81 -1.05 12.82
CA THR A 404 9.64 -0.04 11.78
C THR A 404 8.69 1.02 12.31
N PHE A 405 9.11 2.27 12.25
CA PHE A 405 8.22 3.41 12.51
C PHE A 405 8.08 4.17 11.21
N SER A 406 6.89 4.08 10.61
CA SER A 406 6.63 4.66 9.31
C SER A 406 5.38 5.52 9.45
N ALA A 407 5.59 6.83 9.55
CA ALA A 407 4.53 7.77 9.87
C ALA A 407 3.28 7.53 9.01
N CYS A 408 2.13 7.59 9.66
CA CYS A 408 0.83 7.48 9.00
C CYS A 408 0.61 6.09 8.42
N PHE A 409 1.38 5.11 8.88
CA PHE A 409 1.36 3.75 8.34
C PHE A 409 1.64 3.73 6.84
N GLY A 410 2.50 4.63 6.36
CA GLY A 410 2.83 4.65 4.95
C GLY A 410 3.78 5.76 4.55
N ALA A 411 4.84 5.96 5.34
CA ALA A 411 5.75 7.07 5.06
C ALA A 411 6.42 6.93 3.70
N ALA A 412 6.61 5.70 3.23
CA ALA A 412 7.22 5.48 1.92
C ALA A 412 6.45 6.15 0.79
N PHE A 413 5.18 6.53 1.04
CA PHE A 413 4.34 7.10 0.01
C PHE A 413 3.88 8.51 0.34
N LEU A 414 4.33 9.08 1.46
CA LEU A 414 3.92 10.42 1.85
C LEU A 414 4.72 11.45 1.07
N SER A 415 4.03 12.44 0.53
CA SER A 415 4.65 13.55 -0.17
C SER A 415 4.62 14.84 0.63
N LEU A 416 3.75 14.92 1.63
CA LEU A 416 3.64 16.05 2.55
C LEU A 416 4.12 15.59 3.93
N HIS A 417 4.18 16.52 4.87
CA HIS A 417 4.63 16.17 6.22
C HIS A 417 3.58 15.30 6.90
N PRO A 418 4.01 14.33 7.72
CA PRO A 418 3.03 13.49 8.44
C PRO A 418 1.91 14.26 9.14
N THR A 419 2.21 15.40 9.77
CA THR A 419 1.17 16.11 10.50
C THR A 419 0.06 16.60 9.59
N GLN A 420 0.35 16.83 8.30
CA GLN A 420 -0.70 17.26 7.38
C GLN A 420 -1.70 16.15 7.12
N TYR A 421 -1.24 14.90 7.04
CA TYR A 421 -2.16 13.77 6.92
C TYR A 421 -2.94 13.58 8.22
N ALA A 422 -2.28 13.72 9.36
CA ALA A 422 -2.96 13.58 10.64
C ALA A 422 -4.06 14.62 10.79
N GLU A 423 -3.77 15.87 10.41
CA GLU A 423 -4.74 16.95 10.60
C GLU A 423 -6.04 16.66 9.85
N VAL A 424 -5.92 16.25 8.59
CA VAL A 424 -7.12 16.02 7.79
C VAL A 424 -7.84 14.76 8.24
N LEU A 425 -7.10 13.72 8.63
CA LEU A 425 -7.75 12.52 9.14
C LEU A 425 -8.58 12.84 10.38
N VAL A 426 -7.99 13.54 11.35
CA VAL A 426 -8.72 13.88 12.57
C VAL A 426 -10.00 14.65 12.23
N LYS A 427 -9.88 15.62 11.33
CA LYS A 427 -11.04 16.42 10.94
C LYS A 427 -12.15 15.55 10.40
N ARG A 428 -11.81 14.59 9.53
CA ARG A 428 -12.81 13.70 8.98
C ARG A 428 -13.38 12.77 10.06
N MET A 429 -12.52 12.27 10.95
CA MET A 429 -13.00 11.38 12.00
C MET A 429 -13.94 12.11 12.94
N GLN A 430 -13.56 13.32 13.37
CA GLN A 430 -14.38 14.08 14.31
C GLN A 430 -15.77 14.37 13.73
N ALA A 431 -15.82 14.78 12.47
CA ALA A 431 -17.11 15.06 11.84
C ALA A 431 -17.97 13.82 11.74
N ALA A 432 -17.38 12.64 11.60
CA ALA A 432 -18.15 11.40 11.48
C ALA A 432 -18.40 10.72 12.81
N GLY A 433 -17.82 11.20 13.90
CA GLY A 433 -17.92 10.49 15.17
C GLY A 433 -17.25 9.14 15.14
N ALA A 434 -16.11 9.04 14.45
CA ALA A 434 -15.44 7.76 14.27
C ALA A 434 -14.72 7.33 15.55
N GLN A 435 -14.69 6.02 15.77
CA GLN A 435 -13.94 5.41 16.86
C GLN A 435 -12.75 4.65 16.28
N ALA A 436 -11.61 4.72 16.96
CA ALA A 436 -10.39 4.08 16.49
C ALA A 436 -10.00 2.92 17.39
N TYR A 437 -9.39 1.91 16.77
CA TYR A 437 -8.94 0.70 17.43
C TYR A 437 -7.54 0.36 16.93
N LEU A 438 -6.76 -0.26 17.81
CA LEU A 438 -5.44 -0.79 17.46
C LEU A 438 -5.52 -2.31 17.53
N VAL A 439 -5.13 -2.98 16.45
CA VAL A 439 -5.22 -4.43 16.35
C VAL A 439 -3.85 -4.99 16.03
N ASN A 440 -3.38 -5.89 16.88
CA ASN A 440 -2.10 -6.58 16.66
C ASN A 440 -2.40 -7.88 15.92
N THR A 441 -2.16 -7.87 14.61
CA THR A 441 -2.27 -9.07 13.79
C THR A 441 -1.01 -9.91 13.81
N GLY A 442 -0.02 -9.51 14.60
CA GLY A 442 1.23 -10.22 14.70
C GLY A 442 1.30 -11.16 15.88
N TRP A 443 2.34 -11.04 16.68
CA TRP A 443 2.77 -12.09 17.59
C TRP A 443 2.43 -11.76 19.04
N ASN A 444 2.36 -12.80 19.85
CA ASN A 444 2.21 -12.66 21.30
C ASN A 444 3.28 -13.56 21.94
N GLY A 445 3.07 -13.90 23.22
CA GLY A 445 4.08 -14.65 23.95
C GLY A 445 4.33 -16.05 23.43
N THR A 446 3.47 -16.59 22.57
CA THR A 446 3.68 -17.92 22.01
C THR A 446 4.74 -17.96 20.93
N GLY A 447 5.19 -16.81 20.43
CA GLY A 447 6.07 -16.81 19.28
C GLY A 447 5.38 -17.21 17.99
N LYS A 448 4.06 -17.31 18.00
CA LYS A 448 3.25 -17.54 16.80
C LYS A 448 2.40 -16.29 16.54
N ARG A 449 2.03 -16.09 15.28
CA ARG A 449 1.08 -15.04 14.97
C ARG A 449 -0.32 -15.43 15.41
N ILE A 450 -1.10 -14.45 15.88
CA ILE A 450 -2.51 -14.69 16.11
C ILE A 450 -3.12 -15.22 14.82
N SER A 451 -4.05 -16.16 14.95
CA SER A 451 -4.63 -16.79 13.78
C SER A 451 -5.55 -15.83 13.04
N ILE A 452 -5.70 -16.05 11.74
CA ILE A 452 -6.63 -15.25 10.95
C ILE A 452 -8.05 -15.41 11.49
N LYS A 453 -8.40 -16.63 11.91
CA LYS A 453 -9.72 -16.87 12.49
C LYS A 453 -9.97 -15.96 13.69
N ASP A 454 -9.03 -15.91 14.63
CA ASP A 454 -9.19 -15.05 15.80
C ASP A 454 -9.22 -13.58 15.39
N THR A 455 -8.34 -13.18 14.46
CA THR A 455 -8.32 -11.78 14.04
C THR A 455 -9.63 -11.39 13.35
N ARG A 456 -10.18 -12.26 12.50
CA ARG A 456 -11.45 -11.94 11.87
C ARG A 456 -12.56 -11.79 12.91
N ALA A 457 -12.52 -12.60 13.97
CA ALA A 457 -13.52 -12.47 15.03
C ALA A 457 -13.36 -11.16 15.77
N ILE A 458 -12.12 -10.73 15.99
CA ILE A 458 -11.86 -9.41 16.57
C ILE A 458 -12.44 -8.32 15.68
N ILE A 459 -12.19 -8.39 14.37
CA ILE A 459 -12.74 -7.40 13.45
C ILE A 459 -14.26 -7.40 13.53
N ASP A 460 -14.87 -8.59 13.55
CA ASP A 460 -16.33 -8.65 13.66
C ASP A 460 -16.82 -7.92 14.90
N ALA A 461 -16.13 -8.10 16.03
CA ALA A 461 -16.56 -7.46 17.28
C ALA A 461 -16.37 -5.96 17.24
N ILE A 462 -15.32 -5.48 16.55
CA ILE A 462 -15.19 -4.04 16.35
C ILE A 462 -16.36 -3.51 15.51
N LEU A 463 -16.64 -4.16 14.39
CA LEU A 463 -17.56 -3.58 13.41
C LEU A 463 -19.01 -3.62 13.87
N ASN A 464 -19.39 -4.61 14.67
CA ASN A 464 -20.79 -4.73 15.08
C ASN A 464 -21.09 -3.96 16.37
N GLY A 465 -20.16 -3.13 16.84
CA GLY A 465 -20.38 -2.33 18.03
C GLY A 465 -20.10 -3.04 19.33
N SER A 466 -19.79 -4.33 19.29
CA SER A 466 -19.53 -5.10 20.51
C SER A 466 -18.61 -4.36 21.48
N LEU A 467 -17.57 -3.69 20.97
CA LEU A 467 -16.55 -3.12 21.85
C LEU A 467 -16.71 -1.64 22.20
N ASP A 468 -17.57 -0.85 21.53
CA ASP A 468 -17.50 0.60 21.71
C ASP A 468 -17.80 1.04 23.14
N ASN A 469 -18.58 0.25 23.90
CA ASN A 469 -18.84 0.55 25.32
C ASN A 469 -18.56 -0.64 26.23
N ALA A 470 -17.87 -1.68 25.73
CA ALA A 470 -17.57 -2.84 26.56
C ALA A 470 -16.65 -2.46 27.71
N GLU A 471 -16.74 -3.23 28.79
CA GLU A 471 -15.82 -3.04 29.91
C GLU A 471 -14.40 -3.37 29.46
N THR A 472 -13.43 -2.66 30.05
CA THR A 472 -12.04 -2.81 29.65
C THR A 472 -11.15 -2.84 30.89
N PHE A 473 -9.94 -3.36 30.69
CA PHE A 473 -8.83 -3.21 31.61
C PHE A 473 -7.69 -2.54 30.86
N THR A 474 -6.74 -1.98 31.59
CA THR A 474 -5.72 -1.14 30.99
C THR A 474 -4.37 -1.84 31.01
N LEU A 475 -3.75 -1.92 29.83
CA LEU A 475 -2.42 -2.48 29.72
C LEU A 475 -1.40 -1.50 30.29
N PRO A 476 -0.54 -1.91 31.21
CA PRO A 476 0.46 -0.98 31.74
C PRO A 476 1.39 -0.43 30.68
N MET A 477 1.97 0.74 30.99
CA MET A 477 2.96 1.43 30.17
C MET A 477 2.38 2.01 28.89
N PHE A 478 1.73 1.19 28.06
CA PHE A 478 1.08 1.74 26.87
C PHE A 478 -0.30 2.30 27.17
N ASN A 479 -0.91 1.91 28.30
CA ASN A 479 -2.15 2.50 28.78
C ASN A 479 -3.29 2.28 27.79
N LEU A 480 -3.34 1.08 27.23
CA LEU A 480 -4.33 0.72 26.21
C LEU A 480 -5.50 0.02 26.87
N ALA A 481 -6.71 0.45 26.52
CA ALA A 481 -7.93 -0.15 27.05
C ALA A 481 -8.26 -1.41 26.25
N ILE A 482 -8.29 -2.54 26.93
CA ILE A 482 -8.53 -3.84 26.31
C ILE A 482 -9.89 -4.34 26.78
N PRO A 483 -10.76 -4.80 25.87
CA PRO A 483 -12.01 -5.41 26.31
C PRO A 483 -11.75 -6.62 27.19
N THR A 484 -12.57 -6.77 28.24
CA THR A 484 -12.39 -7.90 29.15
C THR A 484 -12.81 -9.22 28.51
N GLU A 485 -13.70 -9.18 27.52
CA GLU A 485 -14.11 -10.38 26.82
C GLU A 485 -14.57 -9.99 25.42
N LEU A 486 -14.61 -10.98 24.53
CA LEU A 486 -14.99 -10.71 23.15
C LEU A 486 -15.47 -12.01 22.50
N PRO A 487 -16.70 -12.04 21.96
CA PRO A 487 -17.24 -13.31 21.44
C PRO A 487 -16.43 -13.88 20.29
N GLY A 488 -16.23 -15.20 20.33
CA GLY A 488 -15.45 -15.90 19.33
C GLY A 488 -13.94 -15.96 19.52
N VAL A 489 -13.38 -15.31 20.55
CA VAL A 489 -11.94 -15.27 20.81
C VAL A 489 -11.66 -15.86 22.20
N ASP A 490 -10.57 -16.63 22.37
CA ASP A 490 -10.23 -17.12 23.71
C ASP A 490 -9.88 -15.91 24.58
N THR A 491 -10.57 -15.75 25.71
CA THR A 491 -10.33 -14.58 26.55
C THR A 491 -8.87 -14.48 26.97
N LYS A 492 -8.17 -15.62 27.05
CA LYS A 492 -6.80 -15.60 27.57
C LYS A 492 -5.90 -14.69 26.75
N ILE A 493 -6.05 -14.69 25.42
CA ILE A 493 -5.10 -13.96 24.58
C ILE A 493 -5.35 -12.46 24.54
N LEU A 494 -6.50 -11.98 25.04
CA LEU A 494 -6.76 -10.55 25.01
C LEU A 494 -5.74 -9.78 25.83
N ASP A 495 -5.25 -10.35 26.92
CA ASP A 495 -4.16 -9.75 27.70
C ASP A 495 -2.86 -10.35 27.21
N PRO A 496 -1.97 -9.58 26.56
CA PRO A 496 -0.74 -10.19 26.02
C PRO A 496 0.16 -10.77 27.09
N ARG A 497 0.00 -10.36 28.36
CA ARG A 497 0.80 -10.92 29.44
C ARG A 497 0.47 -12.38 29.70
N ASN A 498 -0.74 -12.82 29.34
CA ASN A 498 -1.16 -14.18 29.65
C ASN A 498 -0.45 -15.22 28.79
N THR A 499 0.16 -14.81 27.68
CA THR A 499 0.81 -15.75 26.78
C THR A 499 2.30 -15.90 27.06
N TYR A 500 2.79 -15.37 28.18
CA TYR A 500 4.15 -15.59 28.66
C TYR A 500 4.12 -16.45 29.91
N ALA A 501 5.29 -16.99 30.31
CA ALA A 501 5.32 -17.78 31.54
C ALA A 501 4.86 -16.96 32.74
N SER A 502 5.27 -15.70 32.81
CA SER A 502 4.77 -14.75 33.80
C SER A 502 4.70 -13.36 33.16
N PRO A 503 3.88 -12.47 33.74
CA PRO A 503 3.92 -11.06 33.30
C PRO A 503 5.32 -10.45 33.29
N GLU A 504 6.31 -11.01 34.01
CA GLU A 504 7.64 -10.40 33.99
C GLU A 504 8.28 -10.50 32.61
N GLN A 505 8.14 -11.64 31.92
CA GLN A 505 8.69 -11.72 30.57
C GLN A 505 8.09 -10.64 29.66
N TRP A 506 6.77 -10.45 29.72
CA TRP A 506 6.14 -9.39 28.92
C TRP A 506 6.70 -8.03 29.29
N GLN A 507 6.78 -7.73 30.60
CA GLN A 507 7.22 -6.42 31.03
C GLN A 507 8.58 -6.05 30.44
N GLU A 508 9.51 -6.99 30.41
CA GLU A 508 10.84 -6.67 29.88
C GLU A 508 10.76 -6.27 28.41
N LYS A 509 9.99 -7.01 27.62
CA LYS A 509 9.86 -6.67 26.21
C LYS A 509 9.07 -5.37 26.03
N ALA A 510 8.07 -5.13 26.89
CA ALA A 510 7.30 -3.90 26.79
C ALA A 510 8.17 -2.67 27.05
N GLU A 511 9.12 -2.76 27.98
CA GLU A 511 9.97 -1.60 28.25
C GLU A 511 10.86 -1.30 27.04
N THR A 512 11.39 -2.34 26.39
CA THR A 512 12.14 -2.14 25.15
C THR A 512 11.29 -1.42 24.11
N LEU A 513 10.06 -1.91 23.89
CA LEU A 513 9.23 -1.32 22.86
C LEU A 513 8.82 0.10 23.23
N ALA A 514 8.40 0.32 24.48
CA ALA A 514 8.07 1.68 24.91
C ALA A 514 9.20 2.66 24.61
N LYS A 515 10.44 2.31 24.98
CA LYS A 515 11.56 3.19 24.69
C LYS A 515 11.68 3.47 23.19
N LEU A 516 11.55 2.44 22.35
CA LEU A 516 11.57 2.65 20.90
C LEU A 516 10.52 3.69 20.49
N PHE A 517 9.28 3.54 20.95
CA PHE A 517 8.22 4.50 20.63
C PHE A 517 8.62 5.91 21.06
N ILE A 518 9.11 6.04 22.29
CA ILE A 518 9.38 7.36 22.85
C ILE A 518 10.46 8.07 22.04
N ASP A 519 11.57 7.37 21.76
CA ASP A 519 12.62 7.97 20.94
C ASP A 519 12.11 8.34 19.57
N ASN A 520 11.32 7.47 18.95
CA ASN A 520 10.81 7.77 17.61
C ASN A 520 9.89 8.98 17.65
N PHE A 521 9.07 9.12 18.71
CA PHE A 521 8.10 10.20 18.72
C PHE A 521 8.75 11.57 18.98
N ASP A 522 9.92 11.63 19.64
CA ASP A 522 10.56 12.92 19.91
C ASP A 522 10.52 13.92 18.76
N LYS A 523 10.77 13.52 17.50
CA LYS A 523 10.80 14.50 16.42
C LYS A 523 9.49 15.26 16.28
N TYR A 524 8.36 14.69 16.69
CA TYR A 524 7.09 15.40 16.58
C TYR A 524 6.86 16.43 17.69
N THR A 525 7.74 16.51 18.70
CA THR A 525 7.47 17.40 19.83
C THR A 525 7.97 18.85 19.62
N ASP A 526 8.38 19.28 18.42
CA ASP A 526 8.75 20.68 18.25
C ASP A 526 7.56 21.64 18.17
N THR A 527 6.27 21.14 18.09
CA THR A 527 5.04 21.97 18.18
C THR A 527 4.34 21.75 19.52
N PRO A 528 3.55 22.71 19.98
CA PRO A 528 2.75 22.46 21.20
C PRO A 528 1.79 21.30 21.06
N ALA A 529 1.12 21.15 19.91
CA ALA A 529 0.20 20.03 19.74
C ALA A 529 0.93 18.70 19.83
N GLY A 530 2.08 18.58 19.16
CA GLY A 530 2.85 17.34 19.24
C GLY A 530 3.40 17.08 20.63
N ALA A 531 3.91 18.13 21.29
CA ALA A 531 4.36 17.97 22.67
C ALA A 531 3.25 17.40 23.53
N ALA A 532 2.02 17.90 23.35
CA ALA A 532 0.88 17.43 24.14
C ALA A 532 0.60 15.95 23.93
N LEU A 533 0.87 15.43 22.74
CA LEU A 533 0.55 14.04 22.45
C LEU A 533 1.46 13.06 23.18
N VAL A 534 2.63 13.51 23.66
CA VAL A 534 3.51 12.61 24.39
C VAL A 534 2.78 11.94 25.54
N ALA A 535 1.82 12.63 26.15
CA ALA A 535 1.10 12.08 27.28
C ALA A 535 0.27 10.87 26.90
N ALA A 536 -0.11 10.74 25.63
CA ALA A 536 -0.92 9.63 25.18
C ALA A 536 -0.10 8.43 24.74
N GLY A 537 1.22 8.59 24.63
CA GLY A 537 2.10 7.50 24.27
C GLY A 537 2.53 6.69 25.46
N PRO A 538 3.36 5.68 25.22
CA PRO A 538 3.85 4.85 26.32
C PRO A 538 4.67 5.68 27.30
N LYS A 539 4.57 5.32 28.57
CA LYS A 539 5.25 6.02 29.65
C LYS A 539 6.38 5.14 30.18
N LEU A 540 7.61 5.66 30.12
CA LEU A 540 8.79 4.97 30.63
C LEU A 540 9.72 6.01 31.23
N HIS A 541 10.01 5.88 32.53
CA HIS A 541 10.85 6.86 33.21
C HIS A 541 12.02 6.22 33.96
N HIS A 542 12.43 5.02 33.59
CA HIS A 542 13.57 4.37 34.24
C HIS A 542 14.35 3.54 33.24
N HIS A 543 15.54 3.14 33.66
CA HIS A 543 16.44 2.31 32.85
C HIS A 543 17.12 3.14 31.77
PG ATP B . 0.38 -4.20 1.54
O1G ATP B . -0.53 -4.78 0.47
O2G ATP B . 1.85 -4.47 1.31
O3G ATP B . 0.07 -2.76 1.89
PB ATP B . -1.33 -5.56 3.47
O1B ATP B . -2.43 -5.57 2.46
O2B ATP B . -1.55 -4.82 4.78
O3B ATP B . 0.09 -5.07 2.87
PA ATP B . -1.79 -8.37 3.51
O1A ATP B . -3.15 -8.32 4.18
O2A ATP B . -1.69 -8.59 2.01
O3A ATP B . -0.95 -7.05 3.91
O5' ATP B . -0.88 -9.50 4.18
C5' ATP B . -1.13 -10.08 5.45
C4' ATP B . -0.29 -11.35 5.43
O4' ATP B . -0.19 -11.91 6.73
C3' ATP B . -0.95 -12.40 4.56
O3' ATP B . 0.09 -13.20 4.01
C2' ATP B . -1.74 -13.23 5.56
O2' ATP B . -1.95 -14.56 5.08
C1' ATP B . -0.78 -13.22 6.74
N9 ATP B . -1.42 -13.34 8.06
C8 ATP B . -1.11 -14.28 8.96
N7 ATP B . -1.84 -14.14 10.08
C5 ATP B . -2.63 -13.06 9.91
C6 ATP B . -3.64 -12.36 10.73
N6 ATP B . -3.95 -12.80 11.97
N1 ATP B . -4.24 -11.28 10.18
C2 ATP B . -3.93 -10.84 8.95
N3 ATP B . -3.03 -11.44 8.15
C4 ATP B . -2.35 -12.54 8.57
MG MG C . -2.49 -5.16 0.48
MN MN D . 0.20 -1.05 0.43
S10 03S E . 3.93 -2.75 -2.55
O11 03S E . 4.54 -2.00 -3.71
O12 03S E . 2.46 -2.99 -2.74
C13 03S E . 4.79 -4.34 -2.33
OXT 03S E . 4.23 -1.82 -1.40
H113 03S E . 4.44 -4.79 -1.54
H213 03S E . 5.74 -4.18 -2.21
H313 03S E . 4.65 -4.90 -3.11
#